data_3BEA
#
_entry.id   3BEA
#
_cell.length_a   81.140
_cell.length_b   81.140
_cell.length_c   145.650
_cell.angle_alpha   90.00
_cell.angle_beta   90.00
_cell.angle_gamma   120.00
#
_symmetry.space_group_name_H-M   'H 3'
#
loop_
_entity.id
_entity.type
_entity.pdbx_description
1 polymer 'Macrophage colony-stimulating factor 1 receptor'
2 non-polymer 'SULFATE ION'
3 non-polymer 8-(2,3-dihydro-1H-inden-5-yl)-2-({4-[(3R,5S)-3,5-dimethylpiperazin-1-yl]phenyl}amino)-5-oxo-5,8-dihydropyrido[2,3-d]pyrimidine-6-carboxamide
4 water water
#
_entity_poly.entity_id   1
_entity_poly.type   'polypeptide(L)'
_entity_poly.pdbx_seq_one_letter_code
;GVDYKYKQKPKYQVRWKIIESYEGNSYTFIDPTQLPYNEKWEFPRNNLQFGKTLGAGAFGKVVEATAFGLGKEDAVLKVA
VKMLKSTAHADEKEALMSELKIMSHLGQHENIVNLLGACTHGGPVLVITEYCCYGDLLNFLRRKSRVLETDPAFAIANST
LSTRDLLHFSSQVAQGMAFLASKNCIHRDVAARNVLLTNGHVAKIGDFGLARDIMNDSNYIVKGNARLPVKWMAPESIFD
CVYTVQSDVWSYGILLWEIFSLGLNPYPGILVNSKFYKLVKDGYQMAQPAFAPKNIYSIMQACWALEPTHRPTFQQICSF
LQEQAQEDRRERD
;
_entity_poly.pdbx_strand_id   A
#
# COMPACT_ATOMS: atom_id res chain seq x y z
N GLN A 13 -0.73 13.88 -3.61
CA GLN A 13 -1.14 12.77 -4.50
C GLN A 13 -1.08 11.43 -3.77
N VAL A 14 -1.81 10.44 -4.27
CA VAL A 14 -1.94 9.17 -3.58
C VAL A 14 -1.43 7.96 -4.40
N ARG A 15 -0.80 8.22 -5.53
CA ARG A 15 -0.24 7.15 -6.36
C ARG A 15 1.27 6.97 -6.15
N TRP A 16 1.80 5.83 -6.54
CA TRP A 16 3.24 5.57 -6.38
C TRP A 16 4.06 6.46 -7.29
N LYS A 17 5.28 6.78 -6.87
CA LYS A 17 6.14 7.65 -7.64
C LYS A 17 7.61 7.28 -7.48
N ILE A 18 8.33 7.22 -8.61
CA ILE A 18 9.77 7.02 -8.58
C ILE A 18 10.45 8.37 -8.37
N ILE A 19 11.40 8.42 -7.45
CA ILE A 19 12.14 9.67 -7.22
C ILE A 19 13.63 9.50 -7.48
N GLU A 20 14.34 10.61 -7.58
CA GLU A 20 15.78 10.58 -7.79
C GLU A 20 16.48 10.62 -6.44
N SER A 21 17.51 9.80 -6.29
CA SER A 21 18.30 9.78 -5.06
C SER A 21 19.79 9.79 -5.39
N TYR A 22 20.52 10.73 -4.81
CA TYR A 22 21.95 10.85 -5.04
C TYR A 22 22.76 10.48 -3.81
N GLU A 23 23.85 9.76 -4.02
CA GLU A 23 24.67 9.26 -2.94
C GLU A 23 23.83 8.48 -1.93
N GLY A 24 22.63 8.10 -2.34
CA GLY A 24 21.88 7.08 -1.62
C GLY A 24 22.40 5.71 -2.01
N ASN A 25 21.74 4.67 -1.53
CA ASN A 25 22.18 3.31 -1.82
C ASN A 25 21.75 2.88 -3.22
N SER A 26 20.65 3.46 -3.69
CA SER A 26 20.11 3.12 -5.00
C SER A 26 20.03 4.34 -5.93
N TYR A 27 20.26 4.11 -7.21
CA TYR A 27 20.37 5.20 -8.17
C TYR A 27 19.28 5.07 -9.22
N THR A 28 18.67 6.18 -9.62
CA THR A 28 17.63 6.17 -10.64
C THR A 28 18.23 6.60 -11.98
N PHE A 29 18.45 5.64 -12.86
CA PHE A 29 19.03 5.95 -14.17
C PHE A 29 17.98 6.40 -15.16
N ILE A 30 16.77 5.88 -14.99
CA ILE A 30 15.67 6.14 -15.91
C ILE A 30 14.37 6.45 -15.18
N ASP A 31 13.52 7.26 -15.81
CA ASP A 31 12.17 7.44 -15.32
C ASP A 31 11.24 6.56 -16.14
N PRO A 32 10.66 5.52 -15.51
CA PRO A 32 9.86 4.50 -16.19
C PRO A 32 8.69 5.09 -16.97
N THR A 33 8.17 6.22 -16.49
CA THR A 33 7.09 6.92 -17.19
C THR A 33 7.51 7.16 -18.63
N GLN A 34 8.79 7.48 -18.82
CA GLN A 34 9.37 7.57 -20.14
C GLN A 34 9.80 6.18 -20.59
N LEU A 35 10.25 6.07 -21.83
CA LEU A 35 10.57 4.76 -22.38
C LEU A 35 9.39 3.84 -22.13
N PRO A 36 8.33 3.96 -22.94
CA PRO A 36 7.01 3.36 -22.70
C PRO A 36 7.00 1.83 -22.54
N TYR A 37 5.81 1.25 -22.75
CA TYR A 37 5.48 -0.12 -22.37
C TYR A 37 6.32 -1.17 -23.09
N ASN A 38 6.71 -2.21 -22.36
CA ASN A 38 7.42 -3.34 -22.95
C ASN A 38 6.41 -4.41 -23.33
N GLU A 39 6.26 -4.64 -24.63
CA GLU A 39 5.17 -5.47 -25.14
C GLU A 39 5.28 -6.92 -24.70
N LYS A 40 6.27 -7.21 -23.88
CA LYS A 40 6.46 -8.56 -23.36
C LYS A 40 5.36 -8.95 -22.36
N TRP A 41 4.66 -7.96 -21.83
CA TRP A 41 3.58 -8.20 -20.88
C TRP A 41 2.25 -8.46 -21.57
N GLU A 42 2.23 -8.27 -22.89
CA GLU A 42 0.98 -8.32 -23.62
C GLU A 42 0.31 -9.69 -23.49
N PHE A 43 -0.99 -9.67 -23.21
CA PHE A 43 -1.75 -10.90 -22.98
C PHE A 43 -3.07 -10.83 -23.75
N PRO A 44 -3.48 -11.96 -24.35
CA PRO A 44 -4.72 -11.98 -25.14
C PRO A 44 -5.94 -11.63 -24.31
N ARG A 45 -6.53 -10.48 -24.62
CA ARG A 45 -7.73 -10.00 -23.95
C ARG A 45 -8.82 -11.07 -23.91
N ASN A 46 -8.98 -11.79 -25.01
CA ASN A 46 -10.05 -12.77 -25.14
C ASN A 46 -9.89 -13.92 -24.15
N ASN A 47 -8.66 -14.11 -23.65
CA ASN A 47 -8.37 -15.18 -22.69
C ASN A 47 -8.65 -14.74 -21.25
N LEU A 48 -9.33 -13.60 -21.12
CA LEU A 48 -9.79 -13.10 -19.81
C LEU A 48 -11.30 -13.29 -19.71
N GLN A 49 -11.77 -13.91 -18.63
CA GLN A 49 -13.20 -13.95 -18.35
C GLN A 49 -13.50 -13.16 -17.08
N PHE A 50 -14.27 -12.08 -17.24
CA PHE A 50 -14.49 -11.12 -16.16
C PHE A 50 -15.47 -11.61 -15.11
N GLY A 51 -15.21 -11.26 -13.86
CA GLY A 51 -16.11 -11.60 -12.77
C GLY A 51 -16.62 -10.35 -12.06
N LYS A 52 -16.68 -10.40 -10.74
CA LYS A 52 -17.26 -9.31 -9.97
C LYS A 52 -16.31 -8.11 -9.90
N THR A 53 -16.88 -6.92 -9.74
CA THR A 53 -16.08 -5.73 -9.49
C THR A 53 -15.64 -5.72 -8.03
N LEU A 54 -14.33 -5.65 -7.83
CA LEU A 54 -13.76 -5.68 -6.48
C LEU A 54 -13.80 -4.30 -5.83
N GLY A 55 -13.54 -3.27 -6.63
CA GLY A 55 -13.58 -1.92 -6.12
C GLY A 55 -13.46 -0.94 -7.26
N ALA A 56 -13.72 0.34 -6.99
CA ALA A 56 -13.73 1.34 -8.04
C ALA A 56 -13.65 2.75 -7.48
N GLY A 57 -12.88 3.60 -8.15
CA GLY A 57 -12.86 5.02 -7.83
C GLY A 57 -13.44 5.85 -8.95
N ALA A 58 -13.11 7.13 -8.99
CA ALA A 58 -13.72 8.07 -9.92
C ALA A 58 -13.41 7.76 -11.38
N PHE A 59 -12.19 7.30 -11.64
CA PHE A 59 -11.69 7.21 -13.01
C PHE A 59 -11.51 5.77 -13.48
N GLY A 60 -11.46 4.84 -12.54
CA GLY A 60 -11.21 3.45 -12.91
C GLY A 60 -11.79 2.45 -11.93
N LYS A 61 -11.62 1.17 -12.23
CA LYS A 61 -12.10 0.11 -11.37
C LYS A 61 -11.23 -1.11 -11.47
N VAL A 62 -11.26 -1.94 -10.44
CA VAL A 62 -10.57 -3.22 -10.47
C VAL A 62 -11.59 -4.36 -10.37
N VAL A 63 -11.52 -5.29 -11.32
CA VAL A 63 -12.44 -6.41 -11.35
C VAL A 63 -11.69 -7.73 -11.23
N GLU A 64 -12.32 -8.73 -10.62
CA GLU A 64 -11.78 -10.06 -10.58
C GLU A 64 -12.04 -10.75 -11.92
N ALA A 65 -11.13 -11.63 -12.32
CA ALA A 65 -11.29 -12.37 -13.57
C ALA A 65 -10.56 -13.71 -13.50
N THR A 66 -10.96 -14.62 -14.38
CA THR A 66 -10.17 -15.82 -14.61
C THR A 66 -9.33 -15.57 -15.87
N ALA A 67 -8.04 -15.87 -15.78
CA ALA A 67 -7.16 -15.77 -16.94
C ALA A 67 -6.74 -17.17 -17.37
N PHE A 68 -6.80 -17.44 -18.67
CA PHE A 68 -6.47 -18.76 -19.20
C PHE A 68 -5.15 -18.73 -19.96
N GLY A 69 -4.20 -19.54 -19.52
CA GLY A 69 -2.92 -19.62 -20.22
C GLY A 69 -2.02 -18.42 -19.98
N LEU A 70 -1.89 -18.03 -18.72
CA LEU A 70 -1.11 -16.85 -18.36
C LEU A 70 0.29 -17.20 -17.86
N GLY A 71 1.30 -16.61 -18.48
CA GLY A 71 2.65 -16.74 -17.97
C GLY A 71 3.45 -17.88 -18.59
N LYS A 72 4.60 -18.18 -17.97
CA LYS A 72 5.46 -19.27 -18.43
C LYS A 72 4.80 -20.61 -18.19
N GLU A 73 4.09 -20.73 -17.08
CA GLU A 73 3.38 -21.96 -16.73
C GLU A 73 2.00 -21.96 -17.39
N ASP A 74 1.65 -20.83 -17.99
CA ASP A 74 0.35 -20.61 -18.60
C ASP A 74 -0.78 -21.33 -17.87
N ALA A 75 -0.84 -21.09 -16.56
CA ALA A 75 -1.88 -21.69 -15.75
C ALA A 75 -3.21 -20.95 -15.91
N VAL A 76 -4.27 -21.54 -15.40
CA VAL A 76 -5.57 -20.89 -15.34
C VAL A 76 -5.81 -20.46 -13.90
N LEU A 77 -5.83 -19.15 -13.67
CA LEU A 77 -5.92 -18.66 -12.29
C LEU A 77 -6.75 -17.38 -12.18
N LYS A 78 -7.23 -17.12 -10.96
CA LYS A 78 -7.89 -15.87 -10.64
C LYS A 78 -6.87 -14.75 -10.68
N VAL A 79 -7.22 -13.66 -11.33
CA VAL A 79 -6.38 -12.47 -11.38
C VAL A 79 -7.24 -11.25 -11.08
N ALA A 80 -6.59 -10.13 -10.79
CA ALA A 80 -7.29 -8.85 -10.73
C ALA A 80 -6.96 -8.08 -11.99
N VAL A 81 -7.96 -7.40 -12.54
CA VAL A 81 -7.78 -6.62 -13.75
C VAL A 81 -8.23 -5.17 -13.52
N LYS A 82 -7.32 -4.24 -13.75
CA LYS A 82 -7.63 -2.82 -13.61
C LYS A 82 -7.92 -2.21 -14.99
N MET A 83 -8.89 -1.29 -15.04
CA MET A 83 -9.32 -0.67 -16.29
C MET A 83 -9.96 0.67 -16.00
N LEU A 84 -10.15 1.49 -17.04
CA LEU A 84 -10.78 2.79 -16.89
C LEU A 84 -12.31 2.72 -16.93
N LYS A 85 -12.95 3.75 -16.40
CA LYS A 85 -14.39 3.92 -16.57
C LYS A 85 -14.67 4.72 -17.83
N SER A 86 -15.95 5.00 -18.08
CA SER A 86 -16.37 5.76 -19.25
C SER A 86 -15.99 7.23 -19.12
N THR A 87 -15.99 7.72 -17.89
CA THR A 87 -15.69 9.13 -17.60
C THR A 87 -14.22 9.45 -17.87
N ALA A 88 -13.44 8.41 -18.14
CA ALA A 88 -12.01 8.56 -18.32
C ALA A 88 -11.67 9.18 -19.67
N HIS A 89 -10.78 10.16 -19.66
CA HIS A 89 -10.32 10.83 -20.88
C HIS A 89 -8.90 10.41 -21.21
N ALA A 90 -8.17 11.29 -21.87
CA ALA A 90 -6.77 11.01 -22.24
C ALA A 90 -5.89 11.06 -21.00
N ASP A 91 -6.10 12.05 -20.15
CA ASP A 91 -5.31 12.19 -18.93
C ASP A 91 -5.37 10.92 -18.07
N GLU A 92 -6.54 10.28 -18.07
CA GLU A 92 -6.74 9.07 -17.27
C GLU A 92 -6.05 7.87 -17.89
N LYS A 93 -6.05 7.80 -19.22
CA LYS A 93 -5.36 6.71 -19.92
C LYS A 93 -3.86 6.75 -19.66
N GLU A 94 -3.30 7.96 -19.67
CA GLU A 94 -1.88 8.14 -19.46
C GLU A 94 -1.47 7.70 -18.06
N ALA A 95 -2.25 8.08 -17.06
CA ALA A 95 -1.94 7.74 -15.68
C ALA A 95 -1.98 6.23 -15.48
N LEU A 96 -2.92 5.56 -16.16
CA LEU A 96 -3.01 4.10 -16.06
C LEU A 96 -1.78 3.45 -16.69
N MET A 97 -1.43 3.88 -17.89
CA MET A 97 -0.23 3.40 -18.55
C MET A 97 1.02 3.71 -17.71
N SER A 98 1.01 4.86 -17.05
CA SER A 98 2.11 5.26 -16.19
C SER A 98 2.21 4.33 -14.96
N GLU A 99 1.07 3.89 -14.47
CA GLU A 99 1.03 2.92 -13.37
C GLU A 99 1.56 1.58 -13.87
N LEU A 100 1.18 1.22 -15.10
CA LEU A 100 1.63 0.00 -15.72
C LEU A 100 3.14 0.05 -15.91
N LYS A 101 3.64 1.19 -16.36
CA LYS A 101 5.08 1.33 -16.62
C LYS A 101 5.91 1.17 -15.35
N ILE A 102 5.40 1.68 -14.24
CA ILE A 102 6.12 1.58 -12.97
C ILE A 102 6.20 0.15 -12.47
N MET A 103 5.08 -0.56 -12.52
CA MET A 103 5.04 -1.94 -12.04
C MET A 103 5.94 -2.85 -12.89
N SER A 104 6.06 -2.54 -14.18
CA SER A 104 6.91 -3.35 -15.04
C SER A 104 8.39 -3.07 -14.77
N HIS A 105 8.69 -1.85 -14.32
CA HIS A 105 10.06 -1.46 -14.03
C HIS A 105 10.53 -1.95 -12.65
N LEU A 106 9.62 -1.95 -11.67
CA LEU A 106 9.99 -2.30 -10.31
C LEU A 106 10.55 -3.70 -10.20
N GLY A 107 9.94 -4.64 -10.90
CA GLY A 107 10.30 -6.03 -10.74
C GLY A 107 9.49 -6.66 -9.62
N GLN A 108 9.65 -7.97 -9.43
CA GLN A 108 8.80 -8.70 -8.51
C GLN A 108 9.29 -8.71 -7.06
N HIS A 109 8.34 -8.86 -6.14
CA HIS A 109 8.66 -9.10 -4.74
C HIS A 109 7.49 -9.83 -4.09
N GLU A 110 7.77 -10.64 -3.09
CA GLU A 110 6.75 -11.47 -2.46
C GLU A 110 5.65 -10.66 -1.79
N ASN A 111 5.99 -9.46 -1.30
CA ASN A 111 5.01 -8.67 -0.55
C ASN A 111 4.48 -7.48 -1.35
N ILE A 112 4.60 -7.55 -2.67
CA ILE A 112 3.94 -6.60 -3.54
C ILE A 112 2.98 -7.33 -4.48
N VAL A 113 1.84 -6.71 -4.75
CA VAL A 113 0.90 -7.25 -5.72
C VAL A 113 1.53 -7.14 -7.11
N ASN A 114 1.95 -8.28 -7.66
CA ASN A 114 2.82 -8.25 -8.83
C ASN A 114 2.09 -8.17 -10.17
N LEU A 115 2.73 -7.49 -11.12
CA LEU A 115 2.21 -7.40 -12.48
C LEU A 115 2.32 -8.75 -13.17
N LEU A 116 1.22 -9.21 -13.76
CA LEU A 116 1.21 -10.50 -14.45
C LEU A 116 1.09 -10.35 -15.97
N GLY A 117 0.60 -9.20 -16.42
CA GLY A 117 0.39 -8.98 -17.84
C GLY A 117 -0.48 -7.77 -18.11
N ALA A 118 -0.69 -7.47 -19.38
CA ALA A 118 -1.50 -6.31 -19.75
C ALA A 118 -2.11 -6.48 -21.14
N CYS A 119 -3.25 -5.82 -21.35
CA CYS A 119 -3.87 -5.76 -22.66
C CYS A 119 -3.93 -4.31 -23.10
N THR A 120 -3.01 -3.92 -23.96
CA THR A 120 -2.94 -2.53 -24.42
C THR A 120 -3.32 -2.38 -25.89
N HIS A 121 -3.69 -3.48 -26.54
CA HIS A 121 -4.08 -3.46 -27.95
C HIS A 121 -5.40 -4.18 -28.15
N GLY A 122 -6.13 -3.79 -29.19
CA GLY A 122 -7.38 -4.46 -29.49
C GLY A 122 -8.53 -4.09 -28.55
N GLY A 123 -8.40 -2.98 -27.85
CA GLY A 123 -9.44 -2.58 -26.92
C GLY A 123 -8.90 -1.71 -25.80
N PRO A 124 -9.73 -1.41 -24.79
CA PRO A 124 -9.32 -0.58 -23.65
C PRO A 124 -8.14 -1.20 -22.91
N VAL A 125 -7.31 -0.36 -22.31
CA VAL A 125 -6.14 -0.82 -21.58
C VAL A 125 -6.57 -1.59 -20.34
N LEU A 126 -6.08 -2.83 -20.21
CA LEU A 126 -6.31 -3.64 -19.02
C LEU A 126 -4.97 -3.93 -18.36
N VAL A 127 -4.92 -3.86 -17.04
CA VAL A 127 -3.70 -4.21 -16.33
C VAL A 127 -3.96 -5.39 -15.39
N ILE A 128 -3.21 -6.47 -15.59
CA ILE A 128 -3.49 -7.72 -14.90
C ILE A 128 -2.48 -7.99 -13.78
N THR A 129 -2.99 -8.08 -12.55
CA THR A 129 -2.13 -8.32 -11.37
C THR A 129 -2.62 -9.55 -10.59
N GLU A 130 -1.82 -9.99 -9.62
CA GLU A 130 -2.18 -11.12 -8.78
C GLU A 130 -3.46 -10.80 -8.00
N TYR A 131 -4.34 -11.80 -7.87
CA TYR A 131 -5.55 -11.66 -7.07
C TYR A 131 -5.26 -12.05 -5.62
N CYS A 132 -5.67 -11.21 -4.69
CA CYS A 132 -5.48 -11.47 -3.26
C CYS A 132 -6.81 -11.88 -2.63
N CYS A 133 -6.96 -13.17 -2.36
CA CYS A 133 -8.26 -13.75 -2.10
C CYS A 133 -8.95 -13.29 -0.81
N TYR A 134 -8.20 -12.80 0.17
CA TYR A 134 -8.80 -12.45 1.46
C TYR A 134 -9.20 -10.99 1.61
N GLY A 135 -8.89 -10.17 0.62
CA GLY A 135 -9.32 -8.78 0.67
C GLY A 135 -8.36 -7.91 1.49
N ASP A 136 -8.87 -6.82 2.06
CA ASP A 136 -8.01 -5.87 2.73
C ASP A 136 -7.76 -6.23 4.20
N LEU A 137 -6.61 -5.83 4.70
CA LEU A 137 -6.18 -6.13 6.05
C LEU A 137 -7.06 -5.47 7.11
N LEU A 138 -7.53 -4.26 6.84
CA LEU A 138 -8.32 -3.54 7.85
C LEU A 138 -9.61 -4.29 8.17
N ASN A 139 -10.31 -4.74 7.13
CA ASN A 139 -11.54 -5.50 7.33
C ASN A 139 -11.25 -6.81 8.05
N PHE A 140 -10.16 -7.48 7.67
CA PHE A 140 -9.77 -8.75 8.28
C PHE A 140 -9.56 -8.57 9.77
N LEU A 141 -8.84 -7.51 10.14
CA LEU A 141 -8.58 -7.21 11.53
C LEU A 141 -9.88 -6.97 12.29
N ARG A 142 -10.77 -6.16 11.73
CA ARG A 142 -11.99 -5.81 12.44
C ARG A 142 -12.92 -7.02 12.60
N ARG A 143 -12.89 -7.93 11.64
CA ARG A 143 -13.67 -9.17 11.75
C ARG A 143 -13.08 -10.11 12.81
N LYS A 144 -11.77 -10.23 12.84
CA LYS A 144 -11.11 -11.07 13.85
C LYS A 144 -11.36 -10.51 15.24
N SER A 145 -11.46 -9.18 15.32
CA SER A 145 -11.61 -8.52 16.59
C SER A 145 -12.92 -8.84 17.30
N ARG A 146 -13.90 -9.34 16.58
CA ARG A 146 -15.20 -9.61 17.20
C ARG A 146 -15.78 -11.00 16.93
N VAL A 147 -14.95 -12.02 17.04
CA VAL A 147 -15.33 -13.39 16.72
C VAL A 147 -16.19 -14.10 17.78
N LEU A 148 -15.57 -14.94 18.59
CA LEU A 148 -16.27 -15.77 19.57
C LEU A 148 -16.86 -14.94 20.70
N SER A 159 -9.98 -19.08 14.02
CA SER A 159 -9.10 -18.98 15.17
C SER A 159 -8.65 -17.54 15.38
N THR A 160 -8.47 -17.17 16.64
CA THR A 160 -8.17 -15.79 17.00
C THR A 160 -6.71 -15.46 16.66
N LEU A 161 -6.47 -14.19 16.31
CA LEU A 161 -5.12 -13.73 15.98
C LEU A 161 -4.21 -13.73 17.20
N SER A 162 -2.94 -14.06 16.98
CA SER A 162 -1.94 -14.01 18.03
C SER A 162 -0.87 -13.00 17.67
N THR A 163 -0.04 -12.63 18.65
CA THR A 163 1.02 -11.68 18.40
C THR A 163 1.86 -12.06 17.18
N ARG A 164 2.07 -13.35 16.98
CA ARG A 164 2.91 -13.82 15.88
C ARG A 164 2.28 -13.51 14.52
N ASP A 165 0.95 -13.54 14.44
CA ASP A 165 0.25 -13.15 13.22
C ASP A 165 0.40 -11.67 12.96
N LEU A 166 0.17 -10.86 13.99
CA LEU A 166 0.31 -9.42 13.89
C LEU A 166 1.74 -9.03 13.53
N LEU A 167 2.70 -9.74 14.10
CA LEU A 167 4.11 -9.51 13.75
C LEU A 167 4.36 -9.83 12.28
N HIS A 168 3.78 -10.93 11.80
CA HIS A 168 3.99 -11.35 10.43
C HIS A 168 3.45 -10.33 9.45
N PHE A 169 2.27 -9.79 9.74
CA PHE A 169 1.71 -8.75 8.88
C PHE A 169 2.67 -7.56 8.85
N SER A 170 3.09 -7.13 10.04
CA SER A 170 4.00 -6.00 10.19
C SER A 170 5.28 -6.20 9.39
N SER A 171 5.85 -7.40 9.45
CA SER A 171 7.12 -7.69 8.79
C SER A 171 6.95 -7.76 7.28
N GLN A 172 5.89 -8.40 6.84
CA GLN A 172 5.63 -8.55 5.42
C GLN A 172 5.42 -7.21 4.73
N VAL A 173 4.71 -6.29 5.38
CA VAL A 173 4.53 -4.96 4.83
C VAL A 173 5.85 -4.19 4.86
N ALA A 174 6.58 -4.30 5.96
CA ALA A 174 7.91 -3.69 6.08
C ALA A 174 8.86 -4.17 4.98
N GLN A 175 8.79 -5.43 4.59
CA GLN A 175 9.67 -5.92 3.53
C GLN A 175 9.22 -5.33 2.19
N GLY A 176 7.91 -5.28 1.97
CA GLY A 176 7.41 -4.68 0.75
C GLY A 176 7.87 -3.24 0.62
N MET A 177 7.83 -2.52 1.74
CA MET A 177 8.21 -1.11 1.74
C MET A 177 9.74 -0.93 1.63
N ALA A 178 10.49 -1.83 2.26
CA ALA A 178 11.95 -1.82 2.11
C ALA A 178 12.33 -2.07 0.65
N PHE A 179 11.53 -2.87 -0.05
CA PHE A 179 11.75 -3.12 -1.47
C PHE A 179 11.51 -1.86 -2.29
N LEU A 180 10.36 -1.22 -2.05
CA LEU A 180 10.06 0.05 -2.72
C LEU A 180 11.16 1.08 -2.47
N ALA A 181 11.56 1.22 -1.23
CA ALA A 181 12.61 2.17 -0.86
C ALA A 181 13.90 1.88 -1.63
N SER A 182 14.18 0.60 -1.88
CA SER A 182 15.40 0.21 -2.58
C SER A 182 15.33 0.59 -4.06
N LYS A 183 14.12 0.89 -4.53
CA LYS A 183 13.90 1.26 -5.92
C LYS A 183 13.61 2.75 -6.04
N ASN A 184 13.82 3.48 -4.95
CA ASN A 184 13.53 4.91 -4.93
C ASN A 184 12.07 5.15 -5.31
N CYS A 185 11.19 4.28 -4.82
CA CYS A 185 9.76 4.41 -5.07
C CYS A 185 9.05 4.78 -3.78
N ILE A 186 8.26 5.85 -3.80
CA ILE A 186 7.43 6.19 -2.66
C ILE A 186 5.97 5.82 -2.91
N HIS A 187 5.27 5.52 -1.82
CA HIS A 187 3.98 4.84 -1.83
C HIS A 187 2.87 5.87 -1.64
N ARG A 188 3.00 6.67 -0.59
CA ARG A 188 2.15 7.83 -0.36
C ARG A 188 0.72 7.56 0.12
N ASP A 189 0.37 6.30 0.36
CA ASP A 189 -0.92 5.99 0.99
C ASP A 189 -0.86 4.70 1.82
N VAL A 190 0.19 4.57 2.61
CA VAL A 190 0.33 3.41 3.48
C VAL A 190 -0.76 3.41 4.55
N ALA A 191 -1.49 2.31 4.65
CA ALA A 191 -2.58 2.19 5.60
C ALA A 191 -3.12 0.77 5.52
N ALA A 192 -3.80 0.34 6.58
CA ALA A 192 -4.30 -1.04 6.64
C ALA A 192 -5.37 -1.28 5.57
N ARG A 193 -6.15 -0.26 5.25
CA ARG A 193 -7.11 -0.38 4.15
C ARG A 193 -6.39 -0.68 2.83
N ASN A 194 -5.09 -0.37 2.77
CA ASN A 194 -4.33 -0.50 1.54
C ASN A 194 -3.35 -1.66 1.56
N VAL A 195 -3.54 -2.58 2.51
CA VAL A 195 -2.81 -3.83 2.52
C VAL A 195 -3.78 -4.95 2.19
N LEU A 196 -3.39 -5.84 1.28
CA LEU A 196 -4.23 -6.97 0.91
C LEU A 196 -3.64 -8.27 1.46
N LEU A 197 -4.50 -9.26 1.69
CA LEU A 197 -4.06 -10.57 2.17
C LEU A 197 -4.38 -11.62 1.13
N THR A 198 -3.37 -12.38 0.74
CA THR A 198 -3.54 -13.42 -0.29
C THR A 198 -3.35 -14.78 0.38
N ASN A 199 -3.14 -15.83 -0.42
CA ASN A 199 -3.04 -17.18 0.11
C ASN A 199 -2.09 -17.23 1.29
N GLY A 200 -2.47 -17.99 2.33
CA GLY A 200 -1.65 -18.06 3.52
C GLY A 200 -1.73 -16.80 4.35
N HIS A 201 -2.68 -15.92 3.99
CA HIS A 201 -2.82 -14.63 4.64
C HIS A 201 -1.53 -13.81 4.62
N VAL A 202 -0.74 -14.02 3.57
CA VAL A 202 0.43 -13.18 3.33
C VAL A 202 0.00 -11.77 2.90
N ALA A 203 0.59 -10.74 3.49
CA ALA A 203 0.22 -9.37 3.17
C ALA A 203 0.96 -8.87 1.94
N LYS A 204 0.24 -8.15 1.09
CA LYS A 204 0.83 -7.51 -0.08
C LYS A 204 0.39 -6.04 -0.17
N ILE A 205 1.29 -5.18 -0.63
CA ILE A 205 0.94 -3.81 -0.94
C ILE A 205 0.97 -3.56 -2.43
N GLY A 206 0.37 -2.46 -2.86
CA GLY A 206 0.33 -2.11 -4.26
C GLY A 206 -0.22 -0.70 -4.43
N ASP A 207 -0.29 -0.23 -5.67
CA ASP A 207 -0.88 1.08 -5.92
C ASP A 207 -2.36 0.91 -6.21
N PHE A 208 -3.19 1.09 -5.18
CA PHE A 208 -4.60 0.69 -5.22
C PHE A 208 -5.55 1.85 -5.46
N GLY A 209 -5.01 3.04 -5.69
CA GLY A 209 -5.86 4.21 -5.87
C GLY A 209 -7.11 3.94 -6.71
N LEU A 210 -6.93 3.40 -7.92
CA LEU A 210 -8.03 3.25 -8.86
C LEU A 210 -9.13 2.33 -8.36
N ALA A 211 -8.81 1.50 -7.38
CA ALA A 211 -9.79 0.59 -6.80
C ALA A 211 -10.41 1.24 -5.56
N ARG A 212 -9.89 2.39 -5.19
CA ARG A 212 -10.33 3.09 -3.99
C ARG A 212 -11.37 4.15 -4.32
N ASP A 213 -12.56 4.01 -3.74
CA ASP A 213 -13.62 4.99 -3.92
C ASP A 213 -13.36 6.18 -3.00
N ILE A 214 -12.25 6.87 -3.24
CA ILE A 214 -11.78 7.95 -2.37
C ILE A 214 -12.87 8.96 -2.04
N MET A 215 -13.71 9.26 -3.03
CA MET A 215 -14.77 10.26 -2.88
C MET A 215 -15.73 9.89 -1.75
N ASN A 216 -15.92 8.59 -1.54
CA ASN A 216 -16.92 8.11 -0.60
C ASN A 216 -16.32 7.52 0.67
N ASP A 217 -15.00 7.67 0.82
CA ASP A 217 -14.33 7.32 2.06
C ASP A 217 -13.95 8.58 2.83
N SER A 218 -14.57 8.77 4.00
CA SER A 218 -14.42 9.99 4.77
C SER A 218 -13.03 10.14 5.39
N ASN A 219 -12.22 9.09 5.32
CA ASN A 219 -10.84 9.19 5.77
C ASN A 219 -9.98 10.00 4.83
N TYR A 220 -10.48 10.27 3.63
CA TYR A 220 -9.82 11.19 2.71
C TYR A 220 -10.49 12.56 2.81
N ILE A 221 -9.74 13.52 3.35
CA ILE A 221 -10.26 14.84 3.69
C ILE A 221 -10.07 15.76 2.50
N VAL A 222 -11.09 16.57 2.21
CA VAL A 222 -11.01 17.50 1.09
C VAL A 222 -10.07 18.64 1.43
N LYS A 223 -8.94 18.72 0.74
CA LYS A 223 -8.08 19.89 0.83
C LYS A 223 -8.15 20.66 -0.48
N GLY A 224 -9.14 21.54 -0.58
CA GLY A 224 -9.34 22.28 -1.81
C GLY A 224 -9.63 21.37 -2.98
N ASN A 225 -8.58 20.97 -3.69
CA ASN A 225 -8.72 20.24 -4.94
C ASN A 225 -8.42 18.75 -4.77
N ALA A 226 -7.85 18.38 -3.63
CA ALA A 226 -7.44 17.01 -3.39
C ALA A 226 -8.24 16.35 -2.27
N ARG A 227 -8.02 15.06 -2.10
CA ARG A 227 -8.57 14.33 -0.96
C ARG A 227 -7.46 13.47 -0.36
N LEU A 228 -7.08 13.79 0.86
CA LEU A 228 -5.85 13.26 1.43
C LEU A 228 -6.13 12.51 2.75
N PRO A 229 -5.46 11.37 2.94
CA PRO A 229 -5.62 10.60 4.19
C PRO A 229 -4.91 11.30 5.34
N VAL A 230 -5.48 12.38 5.84
CA VAL A 230 -4.78 13.26 6.78
C VAL A 230 -4.26 12.55 8.02
N LYS A 231 -5.04 11.61 8.55
CA LYS A 231 -4.64 10.93 9.79
C LYS A 231 -3.44 10.00 9.63
N TRP A 232 -3.11 9.66 8.38
CA TRP A 232 -1.99 8.77 8.11
C TRP A 232 -0.69 9.50 7.72
N MET A 233 -0.80 10.80 7.47
CA MET A 233 0.27 11.54 6.80
C MET A 233 1.27 12.19 7.75
N ALA A 234 2.54 12.14 7.40
CA ALA A 234 3.58 12.83 8.15
C ALA A 234 3.27 14.32 8.13
N PRO A 235 3.68 15.04 9.19
CA PRO A 235 3.44 16.48 9.23
C PRO A 235 4.04 17.24 8.04
N GLU A 236 5.22 16.84 7.60
CA GLU A 236 5.87 17.49 6.48
C GLU A 236 5.09 17.28 5.18
N SER A 237 4.43 16.14 5.06
CA SER A 237 3.59 15.87 3.90
C SER A 237 2.33 16.74 3.96
N ILE A 238 1.80 16.91 5.16
CA ILE A 238 0.59 17.69 5.37
C ILE A 238 0.86 19.18 5.26
N PHE A 239 2.02 19.60 5.77
CA PHE A 239 2.31 21.02 5.90
C PHE A 239 3.13 21.58 4.74
N ASP A 240 4.01 20.75 4.17
CA ASP A 240 4.89 21.20 3.10
C ASP A 240 4.63 20.49 1.78
N CYS A 241 3.75 19.50 1.80
CA CYS A 241 3.51 18.65 0.63
C CYS A 241 4.77 17.88 0.22
N VAL A 242 5.69 17.73 1.17
CA VAL A 242 6.86 16.88 0.99
C VAL A 242 6.48 15.40 1.10
N TYR A 243 6.94 14.60 0.16
CA TYR A 243 6.75 13.16 0.18
C TYR A 243 8.08 12.45 -0.05
N THR A 244 8.48 11.65 0.92
CA THR A 244 9.76 10.94 0.85
C THR A 244 9.56 9.54 1.42
N VAL A 245 10.61 8.71 1.34
CA VAL A 245 10.58 7.41 1.99
C VAL A 245 10.32 7.60 3.48
N GLN A 246 10.85 8.69 4.04
CA GLN A 246 10.70 8.97 5.46
C GLN A 246 9.26 9.33 5.83
N SER A 247 8.54 9.96 4.92
CA SER A 247 7.14 10.23 5.19
C SER A 247 6.31 8.95 5.07
N ASP A 248 6.74 8.03 4.20
CA ASP A 248 6.12 6.70 4.16
C ASP A 248 6.37 5.94 5.45
N VAL A 249 7.52 6.21 6.09
CA VAL A 249 7.83 5.54 7.35
C VAL A 249 6.86 5.98 8.45
N TRP A 250 6.51 7.26 8.45
CA TRP A 250 5.52 7.77 9.40
C TRP A 250 4.19 7.04 9.24
N SER A 251 3.71 6.97 7.99
CA SER A 251 2.45 6.30 7.70
C SER A 251 2.48 4.82 8.09
N TYR A 252 3.62 4.18 7.88
CA TYR A 252 3.80 2.80 8.31
C TYR A 252 3.65 2.67 9.82
N GLY A 253 4.02 3.71 10.57
CA GLY A 253 3.83 3.68 12.01
C GLY A 253 2.36 3.74 12.38
N ILE A 254 1.60 4.52 11.62
CA ILE A 254 0.15 4.59 11.80
C ILE A 254 -0.48 3.23 11.47
N LEU A 255 0.02 2.60 10.41
CA LEU A 255 -0.44 1.27 10.04
C LEU A 255 -0.17 0.28 11.18
N LEU A 256 0.99 0.41 11.81
CA LEU A 256 1.33 -0.48 12.94
C LEU A 256 0.30 -0.34 14.04
N TRP A 257 -0.07 0.91 14.32
CA TRP A 257 -1.05 1.19 15.35
C TRP A 257 -2.40 0.56 14.99
N GLU A 258 -2.76 0.62 13.71
CA GLU A 258 -3.97 -0.05 13.24
C GLU A 258 -3.92 -1.56 13.47
N ILE A 259 -2.80 -2.18 13.11
CA ILE A 259 -2.66 -3.62 13.23
C ILE A 259 -2.79 -4.05 14.69
N PHE A 260 -2.05 -3.41 15.57
CA PHE A 260 -2.00 -3.82 16.97
C PHE A 260 -3.14 -3.28 17.84
N SER A 261 -4.03 -2.51 17.22
CA SER A 261 -5.33 -2.18 17.84
C SER A 261 -6.43 -3.04 17.21
N LEU A 262 -6.04 -3.94 16.30
CA LEU A 262 -7.01 -4.71 15.54
C LEU A 262 -7.98 -3.82 14.78
N GLY A 263 -7.47 -2.69 14.27
CA GLY A 263 -8.21 -1.93 13.27
C GLY A 263 -9.07 -0.79 13.76
N LEU A 264 -8.68 -0.16 14.87
CA LEU A 264 -9.36 1.07 15.27
C LEU A 264 -9.00 2.19 14.27
N ASN A 265 -9.87 3.18 14.17
CA ASN A 265 -9.57 4.37 13.38
C ASN A 265 -8.53 5.19 14.17
N PRO A 266 -7.46 5.63 13.50
CA PRO A 266 -6.43 6.39 14.22
C PRO A 266 -6.97 7.64 14.93
N TYR A 267 -6.25 8.07 15.97
CA TYR A 267 -6.65 9.23 16.75
C TYR A 267 -8.12 9.13 17.15
N PRO A 268 -8.49 8.07 17.88
CA PRO A 268 -9.92 7.77 18.11
C PRO A 268 -10.67 8.92 18.76
N GLY A 269 -11.86 9.21 18.22
CA GLY A 269 -12.66 10.30 18.74
C GLY A 269 -12.24 11.67 18.20
N ILE A 270 -10.96 11.82 17.87
CA ILE A 270 -10.42 13.13 17.48
C ILE A 270 -10.78 13.49 16.04
N LEU A 271 -11.58 14.53 15.88
CA LEU A 271 -11.98 14.97 14.55
C LEU A 271 -10.82 15.65 13.82
N VAL A 272 -10.83 15.56 12.50
CA VAL A 272 -9.85 16.26 11.69
C VAL A 272 -10.28 17.70 11.49
N ASN A 273 -9.69 18.59 12.27
CA ASN A 273 -9.93 20.02 12.15
C ASN A 273 -8.65 20.71 12.58
N SER A 274 -8.69 22.04 12.67
CA SER A 274 -7.48 22.81 12.92
C SER A 274 -6.78 22.33 14.18
N LYS A 275 -7.56 21.86 15.14
CA LYS A 275 -7.02 21.38 16.40
C LYS A 275 -6.21 20.10 16.19
N PHE A 276 -6.66 19.25 15.28
CA PHE A 276 -5.91 18.04 14.96
C PHE A 276 -4.51 18.40 14.43
N TYR A 277 -4.46 19.34 13.49
CA TYR A 277 -3.19 19.74 12.89
C TYR A 277 -2.20 20.30 13.91
N LYS A 278 -2.67 21.15 14.82
CA LYS A 278 -1.81 21.71 15.85
C LYS A 278 -1.21 20.61 16.71
N LEU A 279 -2.03 19.63 17.06
CA LEU A 279 -1.58 18.52 17.89
C LEU A 279 -0.42 17.76 17.25
N VAL A 280 -0.60 17.31 16.02
CA VAL A 280 0.45 16.52 15.36
C VAL A 280 1.67 17.41 15.16
N LYS A 281 1.42 18.65 14.72
CA LYS A 281 2.47 19.64 14.59
C LYS A 281 3.28 19.69 15.88
N ASP A 282 2.57 19.74 17.01
CA ASP A 282 3.20 19.95 18.31
C ASP A 282 3.75 18.67 18.94
N GLY A 283 3.62 17.55 18.24
CA GLY A 283 4.24 16.32 18.72
C GLY A 283 3.32 15.33 19.41
N TYR A 284 2.02 15.50 19.27
CA TYR A 284 1.07 14.53 19.81
C TYR A 284 1.27 13.16 19.16
N GLN A 285 1.17 12.10 19.96
CA GLN A 285 1.25 10.73 19.45
C GLN A 285 0.18 9.85 20.10
N MET A 286 -0.38 8.93 19.33
CA MET A 286 -1.41 8.03 19.85
C MET A 286 -0.86 7.20 20.98
N ALA A 287 -1.73 6.81 21.90
CA ALA A 287 -1.37 5.93 23.01
C ALA A 287 -1.17 4.51 22.50
N GLN A 288 -0.35 3.76 23.22
CA GLN A 288 -0.09 2.35 22.92
C GLN A 288 -1.38 1.56 22.75
N PRO A 289 -1.51 0.81 21.64
CA PRO A 289 -2.68 -0.03 21.35
C PRO A 289 -2.70 -1.25 22.27
N ALA A 290 -3.88 -1.84 22.42
CA ALA A 290 -4.09 -2.92 23.38
C ALA A 290 -3.16 -4.12 23.17
N PHE A 291 -2.84 -4.42 21.93
CA PHE A 291 -2.11 -5.66 21.63
C PHE A 291 -0.66 -5.47 21.22
N ALA A 292 -0.18 -4.23 21.27
CA ALA A 292 1.23 -3.96 21.00
C ALA A 292 2.05 -4.18 22.26
N PRO A 293 3.05 -5.07 22.17
CA PRO A 293 4.11 -5.09 23.20
C PRO A 293 4.84 -3.76 23.19
N LYS A 294 5.50 -3.44 24.29
CA LYS A 294 6.23 -2.19 24.40
C LYS A 294 7.23 -2.02 23.24
N ASN A 295 7.89 -3.10 22.84
CA ASN A 295 8.90 -3.00 21.79
C ASN A 295 8.29 -2.56 20.46
N ILE A 296 7.08 -3.04 20.17
CA ILE A 296 6.42 -2.68 18.93
C ILE A 296 5.95 -1.23 19.00
N TYR A 297 5.49 -0.80 20.16
CA TYR A 297 5.11 0.59 20.34
C TYR A 297 6.32 1.52 20.14
N SER A 298 7.49 1.07 20.56
CA SER A 298 8.72 1.83 20.33
C SER A 298 9.02 2.02 18.83
N ILE A 299 8.59 1.08 18.01
CA ILE A 299 8.72 1.25 16.56
C ILE A 299 7.82 2.38 16.11
N MET A 300 6.57 2.36 16.59
CA MET A 300 5.62 3.42 16.28
C MET A 300 6.20 4.78 16.63
N GLN A 301 6.67 4.93 17.85
CA GLN A 301 7.25 6.20 18.29
C GLN A 301 8.41 6.64 17.41
N ALA A 302 9.30 5.71 17.08
CA ALA A 302 10.41 6.01 16.18
C ALA A 302 9.91 6.45 14.80
N CYS A 303 8.84 5.82 14.31
CA CYS A 303 8.24 6.23 13.04
C CYS A 303 7.67 7.65 13.10
N TRP A 304 7.23 8.07 14.28
CA TRP A 304 6.55 9.34 14.44
C TRP A 304 7.48 10.45 14.94
N ALA A 305 8.78 10.26 14.81
CA ALA A 305 9.73 11.33 15.11
C ALA A 305 9.40 12.52 14.21
N LEU A 306 9.35 13.71 14.79
CA LEU A 306 9.04 14.92 14.02
C LEU A 306 10.11 15.19 12.98
N GLU A 307 11.36 14.99 13.37
CA GLU A 307 12.48 15.13 12.43
C GLU A 307 12.62 13.87 11.60
N PRO A 308 12.35 13.97 10.29
CA PRO A 308 12.32 12.84 9.35
C PRO A 308 13.58 12.00 9.32
N THR A 309 14.75 12.62 9.53
CA THR A 309 16.01 11.90 9.50
C THR A 309 16.24 11.12 10.80
N HIS A 310 15.42 11.38 11.82
CA HIS A 310 15.49 10.61 13.05
C HIS A 310 14.57 9.40 13.00
N ARG A 311 13.88 9.22 11.88
CA ARG A 311 13.03 8.06 11.68
C ARG A 311 13.87 6.87 11.19
N PRO A 312 13.50 5.66 11.59
CA PRO A 312 14.22 4.46 11.14
C PRO A 312 14.02 4.26 9.65
N THR A 313 14.87 3.44 9.04
CA THR A 313 14.65 2.99 7.68
C THR A 313 13.75 1.77 7.71
N PHE A 314 13.14 1.43 6.58
CA PHE A 314 12.35 0.21 6.51
C PHE A 314 13.20 -1.03 6.74
N GLN A 315 14.46 -1.01 6.29
CA GLN A 315 15.34 -2.16 6.54
C GLN A 315 15.66 -2.33 8.03
N GLN A 316 15.87 -1.22 8.73
CA GLN A 316 16.07 -1.27 10.18
C GLN A 316 14.82 -1.79 10.91
N ILE A 317 13.65 -1.40 10.40
CA ILE A 317 12.40 -1.89 10.95
C ILE A 317 12.25 -3.39 10.72
N CYS A 318 12.58 -3.83 9.51
CA CYS A 318 12.56 -5.25 9.18
C CYS A 318 13.46 -6.03 10.14
N SER A 319 14.69 -5.54 10.30
CA SER A 319 15.67 -6.17 11.17
C SER A 319 15.17 -6.29 12.62
N PHE A 320 14.63 -5.21 13.15
CA PHE A 320 14.13 -5.20 14.53
C PHE A 320 12.90 -6.09 14.69
N LEU A 321 11.98 -6.05 13.71
CA LEU A 321 10.81 -6.93 13.77
C LEU A 321 11.24 -8.39 13.73
N GLN A 322 12.28 -8.67 12.97
CA GLN A 322 12.83 -10.02 12.89
C GLN A 322 13.25 -10.53 14.26
N GLU A 323 13.83 -9.65 15.07
CA GLU A 323 14.21 -10.01 16.44
C GLU A 323 12.99 -10.26 17.32
N GLN A 324 11.95 -9.44 17.16
CA GLN A 324 10.73 -9.61 17.94
C GLN A 324 10.06 -10.95 17.64
N ALA A 325 10.17 -11.38 16.39
CA ALA A 325 9.54 -12.63 15.95
C ALA A 325 10.27 -13.86 16.50
N GLN A 326 11.59 -13.77 16.64
CA GLN A 326 12.37 -14.88 17.17
C GLN A 326 12.16 -15.01 18.68
N GLU A 327 12.07 -13.88 19.37
CA GLU A 327 11.75 -13.87 20.79
C GLU A 327 10.38 -14.51 21.06
N ASP A 328 9.41 -14.20 20.19
CA ASP A 328 8.07 -14.81 20.32
C ASP A 328 8.16 -16.30 20.05
N ARG A 329 8.99 -16.69 19.10
CA ARG A 329 9.18 -18.07 18.72
C ARG A 329 9.91 -18.85 19.82
N ARG A 330 10.64 -18.13 20.66
CA ARG A 330 11.41 -18.76 21.73
C ARG A 330 10.55 -18.96 22.99
N GLU A 331 9.87 -17.90 23.40
CA GLU A 331 9.04 -17.94 24.61
C GLU A 331 7.72 -18.66 24.35
N ARG A 332 7.01 -18.23 23.33
CA ARG A 332 5.77 -18.89 22.91
C ARG A 332 6.09 -20.16 22.14
#